data_3RJA
#
_entry.id   3RJA
#
_cell.length_a   132.040
_cell.length_b   56.920
_cell.length_c   86.900
_cell.angle_alpha   90.00
_cell.angle_beta   95.55
_cell.angle_gamma   90.00
#
_symmetry.space_group_name_H-M   'C 1 2 1'
#
loop_
_entity.id
_entity.type
_entity.pdbx_description
1 polymer 'Carbohydrate oxidase'
2 non-polymer 'FLAVIN-ADENINE DINUCLEOTIDE'
3 non-polymer 2-acetamido-2-deoxy-beta-D-glucopyranose
4 non-polymer 'ZINC ION'
5 non-polymer '(2R,3R,4R,5R)-4,5-dihydroxy-2-(hydroxymethyl)-6-oxopiperidin-3-yl beta-D-glucopyranoside'
6 non-polymer 2-AMINO-2-HYDROXYMETHYL-PROPANE-1,3-DIOL
7 non-polymer 'SULFATE ION'
8 non-polymer 'CHLORIDE ION'
9 water water
#
_entity_poly.entity_id   1
_entity_poly.type   'polypeptide(L)'
_entity_poly.pdbx_seq_one_letter_code
;GAIEACLSAAGVPIDIPGTADYERDVEPFNIRLPYIPTAIAQTQTTAHIQSAVQCAKKLNLKVSAKSGGHSYASFGFGGE
NGHLMVQLDRMIDVISYNDKTGIAHVEPGARLGHLATVLNDKYGRAISHGTCPGVGISGHFAHGGFGFSSHMHGLAVDSV
VGVTVVLADGRIVEASATENADLFWGIKGAGSNFGIVAVWKLATFPAPKVLTRFGVTLNWKNKTSALKGIEAVEDYARWV
APREVNFRIGDYGAGNPGIEGLYYGTPEQWRAAFQPLLDTLPAGYVVNPTTSLNWIESVLSYSNFDHVDFITPQPVENFY
AKSLTLKSIKGDAVKNFVDYYFDVSNKVKDRFWFYQLDVHGGKNSQVTKVTNAETAYPHRDKLWLIQFYDRYDNNQTYPE
TSFKFLDGWVNSVTKALPKSDWGMYINYADPRMDRDYATKVYYGENLARLQKLKAKFDPTDRFYYPQAVRPVK
;
_entity_poly.pdbx_strand_id   A
#
loop_
_chem_comp.id
_chem_comp.type
_chem_comp.name
_chem_comp.formula
ABL D-saccharide '(2R,3R,4R,5R)-4,5-dihydroxy-2-(hydroxymethyl)-6-oxopiperidin-3-yl beta-D-glucopyranoside' 'C12 H21 N O10'
CL non-polymer 'CHLORIDE ION' 'Cl -1'
FAD non-polymer 'FLAVIN-ADENINE DINUCLEOTIDE' 'C27 H33 N9 O15 P2'
NAG D-saccharide, beta linking 2-acetamido-2-deoxy-beta-D-glucopyranose 'C8 H15 N O6'
SO4 non-polymer 'SULFATE ION' 'O4 S -2'
TRS non-polymer 2-AMINO-2-HYDROXYMETHYL-PROPANE-1,3-DIOL 'C4 H12 N O3 1'
ZN non-polymer 'ZINC ION' 'Zn 2'
#
# COMPACT_ATOMS: atom_id res chain seq x y z
N GLY A 1 26.26 19.79 -13.79
CA GLY A 1 25.67 21.07 -13.33
C GLY A 1 25.71 21.19 -11.82
N ALA A 2 25.03 22.21 -11.32
CA ALA A 2 25.13 22.59 -9.92
C ALA A 2 24.75 21.44 -8.93
N ILE A 3 23.62 20.75 -9.18
CA ILE A 3 23.15 19.68 -8.29
C ILE A 3 24.10 18.48 -8.30
N GLU A 4 24.57 18.09 -9.48
CA GLU A 4 25.56 16.99 -9.56
C GLU A 4 26.81 17.36 -8.73
N ALA A 5 27.33 18.56 -8.95
CA ALA A 5 28.52 19.04 -8.25
C ALA A 5 28.28 19.01 -6.74
N CYS A 6 27.10 19.48 -6.33
CA CYS A 6 26.75 19.52 -4.89
C CYS A 6 26.75 18.13 -4.28
N LEU A 7 26.13 17.18 -4.96
CA LEU A 7 26.03 15.83 -4.45
C LEU A 7 27.43 15.17 -4.40
N SER A 8 28.20 15.37 -5.47
CA SER A 8 29.53 14.77 -5.55
C SER A 8 30.49 15.33 -4.49
N ALA A 9 30.42 16.64 -4.24
CA ALA A 9 31.20 17.31 -3.18
C ALA A 9 30.94 16.71 -1.81
N ALA A 10 29.72 16.22 -1.59
CA ALA A 10 29.33 15.59 -0.31
C ALA A 10 29.52 14.08 -0.28
N GLY A 11 30.16 13.53 -1.31
CA GLY A 11 30.36 12.08 -1.39
C GLY A 11 29.12 11.25 -1.71
N VAL A 12 28.04 11.88 -2.21
CA VAL A 12 26.81 11.15 -2.49
C VAL A 12 26.86 10.56 -3.91
N PRO A 13 26.75 9.22 -4.04
CA PRO A 13 26.75 8.63 -5.39
C PRO A 13 25.55 9.14 -6.21
N ILE A 14 25.80 9.39 -7.49
CA ILE A 14 24.78 9.91 -8.36
C ILE A 14 24.66 8.99 -9.56
N ASP A 15 23.47 8.89 -10.16
CA ASP A 15 23.34 8.11 -11.39
C ASP A 15 23.76 8.98 -12.58
N ILE A 16 24.33 8.34 -13.58
CA ILE A 16 24.82 9.02 -14.79
CA ILE A 16 24.81 9.03 -14.78
C ILE A 16 23.85 8.69 -15.91
N PRO A 17 23.14 9.72 -16.47
CA PRO A 17 22.26 9.37 -17.59
C PRO A 17 22.98 8.54 -18.64
N GLY A 18 22.32 7.48 -19.11
CA GLY A 18 22.86 6.65 -20.17
C GLY A 18 23.45 5.34 -19.67
N THR A 19 23.60 5.19 -18.35
CA THR A 19 24.18 3.99 -17.77
C THR A 19 23.09 3.04 -17.25
N ALA A 20 23.45 1.78 -17.08
CA ALA A 20 22.51 0.78 -16.55
C ALA A 20 21.82 1.25 -15.27
N ASP A 21 22.59 1.67 -14.27
CA ASP A 21 22.02 2.11 -13.01
CA ASP A 21 22.04 2.13 -13.00
C ASP A 21 20.98 3.21 -13.22
N TYR A 22 21.30 4.19 -14.07
CA TYR A 22 20.37 5.29 -14.31
C TYR A 22 19.07 4.76 -14.94
N GLU A 23 19.21 4.00 -16.03
CA GLU A 23 18.06 3.41 -16.72
C GLU A 23 17.17 2.59 -15.78
N ARG A 24 17.79 1.76 -14.92
CA ARG A 24 17.05 1.01 -13.92
C ARG A 24 16.33 1.93 -12.91
N ASP A 25 17.07 2.87 -12.33
CA ASP A 25 16.54 3.71 -11.26
C ASP A 25 15.44 4.70 -11.70
N VAL A 26 15.50 5.14 -12.98
CA VAL A 26 14.64 6.19 -13.48
C VAL A 26 13.33 5.61 -14.04
N GLU A 27 13.28 4.28 -14.14
CA GLU A 27 12.12 3.63 -14.72
C GLU A 27 11.01 3.49 -13.66
N PRO A 28 9.81 4.05 -13.90
CA PRO A 28 8.68 3.92 -12.94
C PRO A 28 8.10 2.53 -12.98
N PHE A 29 7.44 2.09 -11.90
CA PHE A 29 6.65 0.86 -11.97
C PHE A 29 5.49 1.05 -12.98
N ASN A 30 4.83 2.20 -12.91
CA ASN A 30 3.74 2.58 -13.83
C ASN A 30 4.32 3.39 -14.99
N ILE A 31 4.58 2.71 -16.11
CA ILE A 31 5.21 3.37 -17.26
C ILE A 31 4.27 4.34 -17.99
N ARG A 32 3.00 4.34 -17.60
CA ARG A 32 2.11 5.39 -18.03
C ARG A 32 2.61 6.73 -17.52
N LEU A 33 3.42 6.69 -16.45
CA LEU A 33 3.74 7.93 -15.73
C LEU A 33 5.26 8.13 -15.48
N PRO A 34 6.07 8.29 -16.56
CA PRO A 34 7.48 8.59 -16.33
C PRO A 34 7.71 10.04 -15.96
N TYR A 35 8.65 10.27 -15.05
CA TYR A 35 9.11 11.64 -14.76
C TYR A 35 10.63 11.69 -14.85
N ILE A 36 11.15 12.89 -15.09
CA ILE A 36 12.58 13.11 -15.30
C ILE A 36 13.10 13.92 -14.11
N PRO A 37 13.80 13.26 -13.19
CA PRO A 37 14.34 14.02 -12.05
C PRO A 37 15.49 14.90 -12.54
N THR A 38 15.76 15.99 -11.84
CA THR A 38 16.95 16.75 -12.23
C THR A 38 18.24 15.93 -11.99
N ALA A 39 18.22 15.10 -10.94
CA ALA A 39 19.33 14.21 -10.64
C ALA A 39 18.85 13.08 -9.76
N ILE A 40 19.55 11.94 -9.81
CA ILE A 40 19.25 10.82 -8.94
C ILE A 40 20.44 10.54 -8.01
N ALA A 41 20.22 10.71 -6.69
CA ALA A 41 21.18 10.38 -5.63
C ALA A 41 20.91 8.94 -5.18
N GLN A 42 21.84 8.04 -5.49
CA GLN A 42 21.66 6.62 -5.17
C GLN A 42 22.37 6.39 -3.83
N THR A 43 21.63 6.58 -2.73
CA THR A 43 22.24 6.70 -1.41
C THR A 43 22.64 5.35 -0.82
N GLN A 44 23.68 5.34 0.00
CA GLN A 44 24.13 4.14 0.70
C GLN A 44 23.99 4.26 2.23
N THR A 45 23.94 5.48 2.74
CA THR A 45 23.92 5.70 4.19
C THR A 45 22.93 6.81 4.56
N THR A 46 22.65 6.93 5.87
CA THR A 46 21.81 8.00 6.38
C THR A 46 22.42 9.38 6.04
N ALA A 47 23.75 9.47 6.19
CA ALA A 47 24.49 10.68 5.91
C ALA A 47 24.32 11.14 4.45
N HIS A 48 24.29 10.19 3.51
CA HIS A 48 24.01 10.51 2.12
C HIS A 48 22.63 11.16 1.96
N ILE A 49 21.62 10.55 2.60
CA ILE A 49 20.24 11.07 2.55
C ILE A 49 20.24 12.52 3.05
N GLN A 50 20.88 12.72 4.21
CA GLN A 50 21.05 14.04 4.80
C GLN A 50 21.73 15.05 3.87
N SER A 51 22.85 14.66 3.28
CA SER A 51 23.56 15.55 2.38
C SER A 51 22.72 15.88 1.15
N ALA A 52 21.94 14.90 0.66
CA ALA A 52 21.08 15.13 -0.50
C ALA A 52 20.03 16.19 -0.14
N VAL A 53 19.43 16.10 1.04
CA VAL A 53 18.46 17.09 1.50
C VAL A 53 19.13 18.50 1.65
N GLN A 54 20.36 18.56 2.14
CA GLN A 54 21.14 19.81 2.13
C GLN A 54 21.30 20.45 0.73
N CYS A 55 21.70 19.66 -0.26
CA CYS A 55 21.82 20.15 -1.66
C CYS A 55 20.50 20.72 -2.19
N ALA A 56 19.42 20.00 -1.88
CA ALA A 56 18.09 20.43 -2.31
C ALA A 56 17.82 21.82 -1.74
N LYS A 57 18.10 21.99 -0.44
CA LYS A 57 17.93 23.31 0.22
C LYS A 57 18.81 24.40 -0.43
N LYS A 58 20.06 24.06 -0.69
CA LYS A 58 21.00 25.01 -1.31
C LYS A 58 20.55 25.51 -2.69
N LEU A 59 19.97 24.62 -3.51
CA LEU A 59 19.67 24.90 -4.90
C LEU A 59 18.17 25.20 -5.12
N ASN A 60 17.44 25.38 -4.02
CA ASN A 60 15.98 25.49 -4.04
C ASN A 60 15.26 24.42 -4.90
N LEU A 61 15.52 23.15 -4.61
CA LEU A 61 14.86 22.06 -5.33
C LEU A 61 13.86 21.36 -4.41
N LYS A 62 12.81 20.77 -5.00
CA LYS A 62 11.97 19.81 -4.27
C LYS A 62 12.71 18.46 -4.26
N VAL A 63 12.54 17.73 -3.16
CA VAL A 63 13.17 16.43 -3.06
C VAL A 63 12.14 15.31 -2.81
N SER A 64 12.26 14.21 -3.56
CA SER A 64 11.35 13.09 -3.35
C SER A 64 12.13 11.78 -3.15
N ALA A 65 11.75 11.00 -2.13
CA ALA A 65 12.36 9.66 -1.94
C ALA A 65 11.65 8.58 -2.76
N LYS A 66 12.42 7.66 -3.35
CA LYS A 66 11.84 6.53 -4.04
C LYS A 66 12.42 5.30 -3.38
N SER A 67 11.55 4.42 -2.87
CA SER A 67 11.96 3.25 -2.12
C SER A 67 11.81 2.02 -3.07
N GLY A 68 10.61 1.44 -3.17
CA GLY A 68 10.37 0.35 -4.13
C GLY A 68 9.85 0.84 -5.48
N GLY A 69 9.38 2.10 -5.51
CA GLY A 69 8.91 2.74 -6.73
C GLY A 69 7.53 2.27 -7.15
N HIS A 70 6.83 1.63 -6.23
CA HIS A 70 5.48 1.16 -6.52
C HIS A 70 4.33 2.18 -6.50
N SER A 71 4.63 3.44 -6.18
CA SER A 71 3.58 4.47 -6.31
C SER A 71 2.83 4.39 -7.66
N TYR A 72 1.51 4.25 -7.57
CA TYR A 72 0.69 4.13 -8.79
C TYR A 72 0.72 5.46 -9.52
N ALA A 73 1.08 6.53 -8.79
CA ALA A 73 1.18 7.88 -9.34
C ALA A 73 2.62 8.32 -9.70
N SER A 74 3.59 7.43 -9.51
CA SER A 74 5.01 7.80 -9.62
C SER A 74 5.40 8.92 -8.68
N PHE A 75 4.77 8.97 -7.49
CA PHE A 75 5.12 10.01 -6.53
C PHE A 75 6.55 9.91 -5.97
N GLY A 76 7.23 8.77 -6.16
CA GLY A 76 8.61 8.64 -5.70
C GLY A 76 9.53 9.58 -6.47
N PHE A 77 9.11 9.98 -7.68
CA PHE A 77 9.80 10.98 -8.52
C PHE A 77 9.41 12.39 -8.12
N GLY A 78 8.37 12.49 -7.33
CA GLY A 78 7.79 13.77 -7.07
C GLY A 78 6.50 14.05 -7.83
N GLY A 79 6.10 13.13 -8.71
CA GLY A 79 4.85 13.32 -9.49
C GLY A 79 4.89 14.45 -10.52
N GLU A 80 6.10 14.87 -10.89
CA GLU A 80 6.34 15.92 -11.87
C GLU A 80 7.83 15.83 -12.17
N ASN A 81 8.31 16.58 -13.16
CA ASN A 81 9.74 16.56 -13.52
C ASN A 81 10.55 17.47 -12.63
N GLY A 82 11.85 17.21 -12.53
CA GLY A 82 12.77 18.20 -11.95
C GLY A 82 13.08 18.17 -10.46
N HIS A 83 12.65 17.11 -9.77
CA HIS A 83 13.00 16.99 -8.35
C HIS A 83 14.35 16.32 -8.25
N LEU A 84 14.99 16.53 -7.11
CA LEU A 84 16.08 15.70 -6.69
C LEU A 84 15.44 14.38 -6.23
N MET A 85 15.82 13.26 -6.84
CA MET A 85 15.25 11.99 -6.43
C MET A 85 16.29 11.25 -5.58
N VAL A 86 15.90 10.91 -4.36
CA VAL A 86 16.72 10.14 -3.45
C VAL A 86 16.32 8.69 -3.63
N GLN A 87 17.15 7.96 -4.39
CA GLN A 87 16.90 6.59 -4.80
C GLN A 87 17.41 5.65 -3.67
N LEU A 88 16.50 4.94 -2.99
CA LEU A 88 16.85 4.26 -1.74
C LEU A 88 17.09 2.76 -1.87
N ASP A 89 16.77 2.21 -3.03
CA ASP A 89 16.62 0.77 -3.17
C ASP A 89 17.92 -0.07 -3.11
N ARG A 90 19.09 0.54 -2.88
CA ARG A 90 20.32 -0.23 -2.65
CA ARG A 90 20.30 -0.25 -2.66
C ARG A 90 20.56 -0.34 -1.15
N MET A 91 19.74 0.35 -0.35
CA MET A 91 19.83 0.27 1.11
C MET A 91 18.78 -0.75 1.60
N ILE A 92 19.21 -2.00 1.70
CA ILE A 92 18.27 -3.10 1.79
C ILE A 92 18.39 -3.95 3.05
N ASP A 93 19.28 -3.61 3.96
CA ASP A 93 19.58 -4.53 5.07
C ASP A 93 18.62 -4.45 6.23
N VAL A 94 18.35 -5.61 6.82
CA VAL A 94 18.02 -5.68 8.24
C VAL A 94 19.30 -5.41 9.03
N ILE A 95 19.38 -4.20 9.56
CA ILE A 95 20.57 -3.68 10.26
C ILE A 95 20.84 -4.43 11.56
N SER A 96 19.78 -4.72 12.31
CA SER A 96 19.94 -5.36 13.62
C SER A 96 18.63 -6.04 13.95
N TYR A 97 18.71 -7.03 14.82
CA TYR A 97 17.54 -7.70 15.34
C TYR A 97 17.81 -7.97 16.81
N ASN A 98 16.89 -7.59 17.67
CA ASN A 98 17.01 -7.83 19.08
C ASN A 98 16.18 -9.02 19.49
N ASP A 99 16.82 -10.11 19.90
CA ASP A 99 16.04 -11.31 20.22
C ASP A 99 15.34 -11.29 21.57
N LYS A 100 15.58 -10.26 22.37
CA LYS A 100 14.83 -10.10 23.60
C LYS A 100 13.48 -9.45 23.29
N THR A 101 13.46 -8.56 22.31
CA THR A 101 12.23 -7.76 22.07
C THR A 101 11.52 -8.12 20.77
N GLY A 102 12.24 -8.79 19.86
CA GLY A 102 11.69 -9.12 18.55
C GLY A 102 11.71 -7.92 17.60
N ILE A 103 12.39 -6.84 18.02
CA ILE A 103 12.44 -5.63 17.20
C ILE A 103 13.60 -5.66 16.20
N ALA A 104 13.30 -5.29 14.97
CA ALA A 104 14.29 -5.24 13.87
C ALA A 104 14.46 -3.80 13.43
N HIS A 105 15.69 -3.44 13.10
CA HIS A 105 15.95 -2.13 12.51
C HIS A 105 16.22 -2.41 11.02
N VAL A 106 15.56 -1.65 10.15
CA VAL A 106 15.57 -1.90 8.70
C VAL A 106 15.82 -0.65 7.85
N GLU A 107 16.69 -0.81 6.86
CA GLU A 107 16.99 0.25 5.88
C GLU A 107 15.78 0.51 4.98
N PRO A 108 15.66 1.73 4.41
CA PRO A 108 14.40 2.17 3.82
C PRO A 108 14.18 1.75 2.36
N GLY A 109 15.13 0.98 1.82
CA GLY A 109 15.09 0.52 0.45
C GLY A 109 14.78 -0.97 0.33
N ALA A 110 14.71 -1.66 1.48
CA ALA A 110 14.31 -3.08 1.52
C ALA A 110 12.92 -3.25 0.97
N ARG A 111 12.79 -4.19 0.03
CA ARG A 111 11.49 -4.58 -0.49
C ARG A 111 10.82 -5.69 0.33
N LEU A 112 9.50 -5.77 0.27
CA LEU A 112 8.71 -6.66 1.12
C LEU A 112 9.21 -8.11 1.04
N GLY A 113 9.42 -8.62 -0.17
CA GLY A 113 9.87 -10.01 -0.32
C GLY A 113 11.22 -10.22 0.34
N HIS A 114 12.11 -9.22 0.20
CA HIS A 114 13.44 -9.31 0.80
C HIS A 114 13.37 -9.20 2.35
N LEU A 115 12.63 -8.22 2.84
CA LEU A 115 12.35 -8.08 4.28
C LEU A 115 11.84 -9.42 4.83
N ALA A 116 10.84 -10.00 4.17
CA ALA A 116 10.23 -11.24 4.68
C ALA A 116 11.23 -12.38 4.64
N THR A 117 12.02 -12.45 3.59
CA THR A 117 13.01 -13.53 3.46
C THR A 117 14.05 -13.49 4.57
N VAL A 118 14.64 -12.31 4.79
CA VAL A 118 15.67 -12.11 5.80
C VAL A 118 15.12 -12.36 7.19
N LEU A 119 13.97 -11.78 7.52
CA LEU A 119 13.40 -12.00 8.85
C LEU A 119 13.04 -13.49 9.09
N ASN A 120 12.49 -14.16 8.08
CA ASN A 120 12.21 -15.60 8.24
C ASN A 120 13.48 -16.49 8.39
N ASP A 121 14.35 -16.41 7.39
CA ASP A 121 15.46 -17.34 7.23
C ASP A 121 16.55 -17.08 8.28
N LYS A 122 16.81 -15.82 8.56
CA LYS A 122 17.83 -15.48 9.53
C LYS A 122 17.29 -15.48 10.96
N TYR A 123 16.03 -15.08 11.16
CA TYR A 123 15.57 -14.91 12.56
C TYR A 123 14.31 -15.66 13.01
N GLY A 124 13.67 -16.36 12.09
CA GLY A 124 12.43 -17.05 12.36
C GLY A 124 11.26 -16.12 12.65
N ARG A 125 11.24 -14.93 12.04
CA ARG A 125 10.27 -13.89 12.42
C ARG A 125 9.47 -13.37 11.21
N ALA A 126 8.36 -12.69 11.49
CA ALA A 126 7.43 -12.25 10.47
C ALA A 126 6.81 -10.91 10.84
N ILE A 127 6.36 -10.19 9.81
CA ILE A 127 5.55 -8.99 9.94
C ILE A 127 4.40 -9.08 8.98
N SER A 128 3.27 -8.51 9.40
CA SER A 128 2.09 -8.45 8.56
C SER A 128 2.21 -7.28 7.55
N HIS A 129 2.35 -7.60 6.27
CA HIS A 129 2.47 -6.56 5.22
C HIS A 129 1.82 -7.05 3.91
N GLY A 130 1.94 -6.25 2.85
CA GLY A 130 1.40 -6.60 1.53
C GLY A 130 2.01 -7.84 0.87
N THR A 131 1.41 -8.25 -0.23
CA THR A 131 1.74 -9.51 -0.89
C THR A 131 2.77 -9.38 -2.01
N CYS A 132 2.94 -8.18 -2.57
CA CYS A 132 3.82 -8.02 -3.73
C CYS A 132 5.29 -7.96 -3.28
N PRO A 133 6.14 -8.87 -3.78
CA PRO A 133 7.51 -8.92 -3.22
C PRO A 133 8.42 -7.71 -3.54
N GLY A 134 8.14 -6.99 -4.63
CA GLY A 134 8.92 -5.81 -5.04
C GLY A 134 8.55 -4.47 -4.39
N VAL A 135 7.41 -4.43 -3.69
CA VAL A 135 6.99 -3.23 -2.99
C VAL A 135 8.07 -2.78 -1.99
N GLY A 136 8.36 -1.48 -1.95
CA GLY A 136 9.31 -0.95 -1.00
C GLY A 136 8.69 -0.84 0.39
N ILE A 137 9.50 -1.16 1.41
CA ILE A 137 9.14 -0.96 2.80
C ILE A 137 8.66 0.49 3.11
N SER A 138 9.32 1.50 2.54
CA SER A 138 9.04 2.87 3.00
C SER A 138 7.69 3.41 2.55
N GLY A 139 7.41 3.39 1.25
CA GLY A 139 6.06 3.81 0.79
C GLY A 139 4.93 3.01 1.42
N HIS A 140 5.16 1.71 1.55
CA HIS A 140 4.15 0.78 2.05
C HIS A 140 3.82 1.05 3.52
N PHE A 141 4.84 1.01 4.37
CA PHE A 141 4.64 1.17 5.81
C PHE A 141 4.21 2.61 6.18
N ALA A 142 4.68 3.61 5.43
CA ALA A 142 4.40 5.00 5.78
C ALA A 142 2.91 5.35 5.64
N HIS A 143 2.18 4.53 4.90
CA HIS A 143 0.79 4.87 4.54
C HIS A 143 -0.20 3.77 4.91
N GLY A 144 0.24 2.78 5.66
CA GLY A 144 -0.65 1.68 6.09
C GLY A 144 -0.03 0.30 5.83
N GLY A 145 -0.43 -0.32 4.72
CA GLY A 145 0.09 -1.61 4.27
C GLY A 145 -0.80 -2.77 4.66
N PHE A 146 -1.59 -3.25 3.72
CA PHE A 146 -2.59 -4.26 4.00
C PHE A 146 -2.29 -5.56 3.26
N GLY A 147 -2.44 -6.71 3.93
CA GLY A 147 -2.24 -8.00 3.28
C GLY A 147 -3.06 -9.12 3.93
N PHE A 148 -2.67 -10.37 3.62
CA PHE A 148 -3.37 -11.57 4.09
C PHE A 148 -3.06 -12.00 5.54
N SER A 149 -2.30 -11.20 6.29
CA SER A 149 -2.23 -11.36 7.75
C SER A 149 -2.85 -10.17 8.49
N SER A 150 -3.43 -9.21 7.77
CA SER A 150 -3.91 -8.00 8.44
C SER A 150 -5.09 -8.23 9.37
N HIS A 151 -5.99 -9.16 9.06
CA HIS A 151 -7.16 -9.37 9.94
C HIS A 151 -6.63 -9.91 11.29
N MET A 152 -5.65 -10.80 11.19
CA MET A 152 -5.01 -11.42 12.33
C MET A 152 -4.02 -10.51 13.09
N HIS A 153 -3.22 -9.73 12.37
CA HIS A 153 -2.07 -9.06 13.00
C HIS A 153 -1.95 -7.56 12.69
N GLY A 154 -2.88 -7.01 11.92
CA GLY A 154 -2.91 -5.56 11.69
C GLY A 154 -2.09 -5.10 10.48
N LEU A 155 -2.02 -3.78 10.30
CA LEU A 155 -1.31 -3.17 9.15
C LEU A 155 0.21 -3.25 9.34
N ALA A 156 0.93 -3.17 8.22
CA ALA A 156 2.38 -3.02 8.24
C ALA A 156 2.73 -1.86 9.18
N VAL A 157 2.02 -0.74 9.03
CA VAL A 157 2.24 0.44 9.86
C VAL A 157 2.12 0.15 11.37
N ASP A 158 1.26 -0.80 11.74
CA ASP A 158 1.07 -1.17 13.14
C ASP A 158 2.28 -1.91 13.77
N SER A 159 3.21 -2.41 12.95
CA SER A 159 4.45 -2.97 13.49
C SER A 159 5.50 -1.90 13.86
N VAL A 160 5.28 -0.66 13.42
CA VAL A 160 6.28 0.39 13.57
C VAL A 160 6.31 0.88 15.03
N VAL A 161 7.45 0.71 15.68
CA VAL A 161 7.66 1.19 17.06
C VAL A 161 8.66 2.34 17.12
N GLY A 162 9.35 2.61 16.02
CA GLY A 162 10.19 3.80 15.94
C GLY A 162 10.77 4.06 14.54
N VAL A 163 11.25 5.28 14.32
CA VAL A 163 11.92 5.62 13.07
C VAL A 163 13.06 6.60 13.33
N THR A 164 14.08 6.53 12.47
CA THR A 164 15.06 7.59 12.35
C THR A 164 14.63 8.37 11.12
N VAL A 165 14.58 9.69 11.22
CA VAL A 165 14.03 10.47 10.11
C VAL A 165 14.96 11.62 9.77
N VAL A 166 15.21 11.82 8.48
CA VAL A 166 15.89 13.04 7.99
C VAL A 166 14.83 14.10 7.70
N LEU A 167 14.91 15.24 8.40
CA LEU A 167 13.92 16.30 8.23
C LEU A 167 14.29 17.24 7.08
N ALA A 168 13.34 18.12 6.71
CA ALA A 168 13.55 19.09 5.61
C ALA A 168 14.72 20.08 5.84
N ASP A 169 15.00 20.37 7.10
CA ASP A 169 16.11 21.26 7.44
C ASP A 169 17.46 20.55 7.52
N GLY A 170 17.47 19.24 7.24
CA GLY A 170 18.72 18.45 7.28
C GLY A 170 19.04 17.73 8.59
N ARG A 171 18.29 18.02 9.65
CA ARG A 171 18.51 17.31 10.92
C ARG A 171 18.06 15.85 10.87
N ILE A 172 18.76 15.01 11.62
CA ILE A 172 18.34 13.63 11.78
C ILE A 172 17.74 13.50 13.17
N VAL A 173 16.51 12.98 13.26
CA VAL A 173 15.82 12.84 14.56
C VAL A 173 15.21 11.46 14.71
N GLU A 174 15.03 11.04 15.96
CA GLU A 174 14.30 9.82 16.27
C GLU A 174 12.84 10.19 16.58
N ALA A 175 11.93 9.29 16.23
CA ALA A 175 10.53 9.43 16.56
C ALA A 175 9.97 8.11 17.05
N SER A 176 9.09 8.17 18.06
CA SER A 176 8.57 6.97 18.68
C SER A 176 7.50 7.45 19.62
N ALA A 177 6.90 6.52 20.37
CA ALA A 177 5.91 6.92 21.40
C ALA A 177 6.48 7.90 22.47
N THR A 178 7.77 7.81 22.74
CA THR A 178 8.40 8.56 23.83
C THR A 178 9.29 9.71 23.35
N GLU A 179 9.31 9.97 22.05
CA GLU A 179 10.18 11.00 21.52
C GLU A 179 9.63 11.49 20.18
N ASN A 180 9.40 12.79 20.07
CA ASN A 180 8.75 13.35 18.88
C ASN A 180 7.52 12.48 18.52
N ALA A 181 6.66 12.24 19.51
CA ALA A 181 5.44 11.44 19.32
C ALA A 181 4.47 12.03 18.29
N ASP A 182 4.53 13.37 18.10
CA ASP A 182 3.75 14.04 17.09
C ASP A 182 4.23 13.69 15.67
N LEU A 183 5.57 13.67 15.48
CA LEU A 183 6.16 13.26 14.21
C LEU A 183 5.82 11.80 13.95
N PHE A 184 6.01 10.98 14.98
CA PHE A 184 5.72 9.54 14.97
C PHE A 184 4.29 9.26 14.47
N TRP A 185 3.34 10.05 14.96
CA TRP A 185 1.93 9.92 14.59
C TRP A 185 1.74 10.15 13.08
N GLY A 186 2.32 11.25 12.57
CA GLY A 186 2.30 11.55 11.14
C GLY A 186 3.02 10.52 10.29
N ILE A 187 4.15 10.00 10.77
CA ILE A 187 4.90 9.03 9.98
C ILE A 187 4.03 7.78 9.78
N LYS A 188 3.27 7.46 10.81
CA LYS A 188 2.42 6.27 10.79
C LYS A 188 1.09 6.45 10.09
N GLY A 189 1.16 6.64 8.77
CA GLY A 189 -0.03 6.70 7.91
C GLY A 189 0.04 7.78 6.85
N ALA A 190 0.94 8.74 7.04
CA ALA A 190 1.07 9.85 6.09
C ALA A 190 2.54 10.20 5.94
N GLY A 191 3.39 9.17 6.07
CA GLY A 191 4.82 9.34 6.30
C GLY A 191 5.59 10.08 5.22
N SER A 192 5.08 10.05 3.99
CA SER A 192 5.75 10.72 2.90
C SER A 192 5.80 12.24 3.09
N ASN A 193 4.92 12.75 3.95
CA ASN A 193 4.79 14.20 4.21
C ASN A 193 5.87 14.87 5.07
N PHE A 194 6.58 14.08 5.89
CA PHE A 194 7.31 14.69 7.03
C PHE A 194 8.82 14.60 7.05
N GLY A 195 9.38 13.83 6.12
CA GLY A 195 10.85 13.74 5.98
C GLY A 195 11.15 12.51 5.20
N ILE A 196 12.41 12.06 5.23
CA ILE A 196 12.76 10.80 4.55
C ILE A 196 13.13 9.82 5.68
N VAL A 197 12.33 8.78 5.86
CA VAL A 197 12.64 7.79 6.89
C VAL A 197 13.92 7.05 6.47
N ALA A 198 14.89 7.01 7.39
CA ALA A 198 16.23 6.43 7.12
C ALA A 198 16.40 5.07 7.79
N VAL A 199 15.64 4.83 8.87
CA VAL A 199 15.61 3.51 9.52
C VAL A 199 14.18 3.26 10.01
N TRP A 200 13.63 2.09 9.71
CA TRP A 200 12.36 1.64 10.33
C TRP A 200 12.65 0.73 11.51
N LYS A 201 11.99 0.97 12.65
CA LYS A 201 12.15 0.06 13.80
C LYS A 201 10.85 -0.69 14.00
N LEU A 202 10.93 -2.01 13.85
CA LEU A 202 9.70 -2.80 13.61
C LEU A 202 9.56 -3.96 14.58
N ALA A 203 8.41 -4.05 15.24
CA ALA A 203 8.08 -5.22 16.08
C ALA A 203 7.78 -6.38 15.14
N THR A 204 8.23 -7.58 15.49
CA THR A 204 7.96 -8.77 14.68
C THR A 204 7.23 -9.80 15.54
N PHE A 205 6.63 -10.82 14.90
CA PHE A 205 6.10 -12.01 15.59
C PHE A 205 6.78 -13.30 15.09
N PRO A 206 6.73 -14.40 15.89
CA PRO A 206 7.33 -15.66 15.42
C PRO A 206 6.63 -16.07 14.13
N ALA A 207 7.43 -16.49 13.13
CA ALA A 207 6.90 -16.89 11.85
C ALA A 207 5.94 -18.06 12.07
N PRO A 208 4.67 -17.93 11.63
CA PRO A 208 3.67 -19.00 11.89
C PRO A 208 4.05 -20.30 11.20
N LYS A 209 3.78 -21.41 11.87
CA LYS A 209 4.11 -22.73 11.31
C LYS A 209 2.92 -23.35 10.59
N VAL A 210 1.71 -23.00 11.02
CA VAL A 210 0.50 -23.64 10.52
C VAL A 210 -0.44 -22.59 9.90
N LEU A 211 -0.57 -22.63 8.58
CA LEU A 211 -1.43 -21.69 7.84
C LEU A 211 -2.16 -22.45 6.76
N THR A 212 -3.36 -21.99 6.46
CA THR A 212 -4.15 -22.58 5.40
C THR A 212 -4.58 -21.52 4.38
N ARG A 213 -4.18 -21.74 3.14
CA ARG A 213 -4.68 -20.96 2.04
C ARG A 213 -6.01 -21.54 1.60
N PHE A 214 -6.99 -20.67 1.39
CA PHE A 214 -8.29 -21.12 0.98
C PHE A 214 -8.86 -20.26 -0.13
N GLY A 215 -9.90 -20.79 -0.78
CA GLY A 215 -10.46 -20.15 -1.94
C GLY A 215 -11.86 -20.69 -2.21
N VAL A 216 -12.74 -19.81 -2.71
CA VAL A 216 -14.11 -20.18 -3.09
C VAL A 216 -14.46 -19.54 -4.43
N THR A 217 -14.72 -20.37 -5.44
CA THR A 217 -15.26 -19.89 -6.70
C THR A 217 -16.75 -19.57 -6.48
N LEU A 218 -17.11 -18.30 -6.58
CA LEU A 218 -18.42 -17.86 -6.11
C LEU A 218 -19.55 -18.26 -7.05
N ASN A 219 -19.25 -18.27 -8.34
CA ASN A 219 -20.23 -18.43 -9.41
C ASN A 219 -21.45 -17.49 -9.36
N TRP A 220 -21.21 -16.18 -9.16
CA TRP A 220 -22.26 -15.17 -9.26
C TRP A 220 -22.47 -14.83 -10.75
N LYS A 221 -23.48 -15.44 -11.36
CA LYS A 221 -23.74 -15.30 -12.80
C LYS A 221 -24.63 -14.12 -13.12
N ASN A 222 -25.23 -13.49 -12.12
CA ASN A 222 -26.09 -12.34 -12.37
C ASN A 222 -26.14 -11.35 -11.22
N LYS A 223 -26.75 -10.20 -11.48
CA LYS A 223 -26.85 -9.12 -10.50
C LYS A 223 -27.40 -9.60 -9.17
N THR A 224 -28.47 -10.39 -9.22
CA THR A 224 -29.16 -10.83 -7.99
C THR A 224 -28.27 -11.65 -7.08
N SER A 225 -27.59 -12.66 -7.64
CA SER A 225 -26.64 -13.47 -6.89
CA SER A 225 -26.64 -13.47 -6.90
C SER A 225 -25.49 -12.64 -6.31
N ALA A 226 -24.95 -11.73 -7.12
CA ALA A 226 -23.85 -10.87 -6.68
C ALA A 226 -24.27 -9.94 -5.53
N LEU A 227 -25.48 -9.41 -5.62
CA LEU A 227 -26.05 -8.53 -4.61
C LEU A 227 -26.21 -9.28 -3.27
N LYS A 228 -26.79 -10.49 -3.34
CA LYS A 228 -26.95 -11.33 -2.16
C LYS A 228 -25.62 -11.82 -1.60
N GLY A 229 -24.64 -12.07 -2.47
CA GLY A 229 -23.36 -12.61 -2.02
C GLY A 229 -22.54 -11.55 -1.30
N ILE A 230 -22.46 -10.36 -1.89
CA ILE A 230 -21.76 -9.26 -1.26
C ILE A 230 -22.41 -8.87 0.07
N GLU A 231 -23.75 -8.91 0.15
CA GLU A 231 -24.44 -8.62 1.42
C GLU A 231 -24.00 -9.66 2.45
N ALA A 232 -24.01 -10.93 2.04
CA ALA A 232 -23.67 -12.03 2.96
C ALA A 232 -22.22 -11.92 3.47
N VAL A 233 -21.32 -11.50 2.59
CA VAL A 233 -19.91 -11.39 3.00
C VAL A 233 -19.77 -10.22 3.97
N GLU A 234 -20.50 -9.12 3.76
CA GLU A 234 -20.37 -8.00 4.68
C GLU A 234 -20.84 -8.40 6.08
N ASP A 235 -21.93 -9.18 6.13
CA ASP A 235 -22.47 -9.65 7.42
C ASP A 235 -21.44 -10.46 8.19
N TYR A 236 -20.86 -11.43 7.49
CA TYR A 236 -19.88 -12.31 8.08
C TYR A 236 -18.68 -11.48 8.53
N ALA A 237 -18.24 -10.55 7.68
CA ALA A 237 -17.11 -9.67 8.00
C ALA A 237 -17.43 -8.86 9.28
N ARG A 238 -18.59 -8.22 9.29
CA ARG A 238 -18.87 -7.26 10.36
C ARG A 238 -19.01 -7.96 11.70
N TRP A 239 -19.73 -9.06 11.72
CA TRP A 239 -20.17 -9.65 12.98
C TRP A 239 -19.61 -11.00 13.42
N VAL A 240 -19.01 -11.76 12.50
CA VAL A 240 -18.70 -13.18 12.73
C VAL A 240 -17.23 -13.55 12.52
N ALA A 241 -16.66 -13.13 11.40
CA ALA A 241 -15.30 -13.54 11.01
C ALA A 241 -14.29 -13.51 12.18
N PRO A 242 -13.78 -14.70 12.58
CA PRO A 242 -12.78 -14.72 13.63
C PRO A 242 -11.53 -13.98 13.19
N ARG A 243 -10.75 -13.54 14.16
CA ARG A 243 -9.43 -12.93 13.96
C ARG A 243 -8.56 -13.70 12.97
N GLU A 244 -8.52 -15.03 13.10
CA GLU A 244 -7.64 -15.89 12.30
C GLU A 244 -7.95 -15.90 10.77
N VAL A 245 -9.10 -15.38 10.36
CA VAL A 245 -9.47 -15.44 8.95
CA VAL A 245 -9.53 -15.43 8.96
C VAL A 245 -9.15 -14.12 8.24
N ASN A 246 -8.41 -14.22 7.13
CA ASN A 246 -8.01 -13.03 6.37
C ASN A 246 -8.48 -13.26 4.96
N PHE A 247 -9.30 -12.36 4.42
CA PHE A 247 -9.75 -12.65 3.04
C PHE A 247 -10.25 -11.44 2.28
N ARG A 248 -10.53 -11.69 1.01
CA ARG A 248 -11.13 -10.70 0.12
CA ARG A 248 -11.06 -10.71 0.07
C ARG A 248 -11.97 -11.37 -0.97
N ILE A 249 -12.85 -10.58 -1.60
CA ILE A 249 -13.48 -10.98 -2.86
C ILE A 249 -12.66 -10.33 -3.96
N GLY A 250 -12.32 -11.09 -4.98
CA GLY A 250 -11.58 -10.57 -6.12
C GLY A 250 -12.17 -11.15 -7.40
N ASP A 251 -12.14 -10.35 -8.46
CA ASP A 251 -12.49 -10.83 -9.80
C ASP A 251 -11.43 -10.38 -10.80
N TYR A 252 -10.71 -11.35 -11.36
CA TYR A 252 -9.69 -11.15 -12.38
C TYR A 252 -10.14 -11.73 -13.73
N GLY A 253 -11.39 -12.18 -13.80
CA GLY A 253 -11.95 -12.86 -14.99
C GLY A 253 -13.19 -12.19 -15.57
N ALA A 254 -13.34 -10.88 -15.36
CA ALA A 254 -14.48 -10.14 -15.91
C ALA A 254 -15.77 -10.93 -15.75
N GLY A 255 -16.04 -11.41 -14.53
CA GLY A 255 -17.27 -12.13 -14.24
C GLY A 255 -17.07 -13.47 -13.55
N ASN A 256 -15.86 -13.71 -13.05
CA ASN A 256 -15.55 -14.93 -12.30
CA ASN A 256 -15.56 -14.93 -12.31
C ASN A 256 -15.09 -14.63 -10.88
N PRO A 257 -15.94 -13.97 -10.06
CA PRO A 257 -15.47 -13.62 -8.71
C PRO A 257 -15.13 -14.84 -7.81
N GLY A 258 -14.16 -14.65 -6.92
CA GLY A 258 -13.80 -15.68 -5.97
C GLY A 258 -13.48 -15.05 -4.63
N ILE A 259 -13.63 -15.81 -3.57
CA ILE A 259 -13.01 -15.46 -2.31
C ILE A 259 -11.59 -16.04 -2.30
N GLU A 260 -10.60 -15.22 -1.95
CA GLU A 260 -9.28 -15.78 -1.61
C GLU A 260 -8.90 -15.35 -0.21
N GLY A 261 -8.22 -16.23 0.49
CA GLY A 261 -7.91 -15.98 1.87
C GLY A 261 -6.78 -16.78 2.42
N LEU A 262 -6.43 -16.39 3.65
CA LEU A 262 -5.40 -17.01 4.46
C LEU A 262 -5.95 -17.18 5.88
N TYR A 263 -5.88 -18.41 6.39
CA TYR A 263 -6.39 -18.73 7.73
C TYR A 263 -5.25 -19.14 8.66
N TYR A 264 -5.18 -18.50 9.83
CA TYR A 264 -4.21 -18.88 10.86
C TYR A 264 -4.69 -20.11 11.61
N GLY A 265 -4.27 -21.28 11.13
CA GLY A 265 -4.69 -22.57 11.68
C GLY A 265 -4.86 -23.62 10.58
N THR A 266 -5.48 -24.74 10.94
CA THR A 266 -5.54 -25.92 10.07
C THR A 266 -6.69 -25.84 9.07
N PRO A 267 -6.65 -26.64 7.99
CA PRO A 267 -7.78 -26.67 7.05
C PRO A 267 -9.14 -26.99 7.70
N GLU A 268 -9.15 -27.84 8.72
CA GLU A 268 -10.41 -28.23 9.37
C GLU A 268 -10.93 -27.06 10.23
N GLN A 269 -10.02 -26.36 10.91
CA GLN A 269 -10.40 -25.17 11.68
C GLN A 269 -10.88 -24.07 10.73
N TRP A 270 -10.25 -23.95 9.57
CA TRP A 270 -10.71 -22.96 8.59
C TRP A 270 -12.17 -23.23 8.23
N ARG A 271 -12.45 -24.46 7.78
CA ARG A 271 -13.78 -24.82 7.32
C ARG A 271 -14.85 -24.53 8.38
N ALA A 272 -14.61 -24.96 9.61
CA ALA A 272 -15.53 -24.71 10.70
C ALA A 272 -15.73 -23.19 10.87
N ALA A 273 -14.64 -22.42 10.82
CA ALA A 273 -14.70 -20.98 11.00
C ALA A 273 -15.44 -20.25 9.86
N PHE A 274 -15.31 -20.76 8.63
CA PHE A 274 -15.87 -20.13 7.42
C PHE A 274 -17.27 -20.61 7.12
N GLN A 275 -17.68 -21.71 7.73
CA GLN A 275 -19.00 -22.33 7.44
C GLN A 275 -20.22 -21.40 7.53
N PRO A 276 -20.25 -20.49 8.55
CA PRO A 276 -21.35 -19.54 8.64
C PRO A 276 -21.52 -18.72 7.38
N LEU A 277 -20.42 -18.43 6.69
CA LEU A 277 -20.47 -17.68 5.43
C LEU A 277 -20.91 -18.57 4.28
N LEU A 278 -20.27 -19.74 4.16
CA LEU A 278 -20.66 -20.74 3.14
C LEU A 278 -22.17 -21.03 3.22
N ASP A 279 -22.72 -21.11 4.44
CA ASP A 279 -24.18 -21.29 4.63
C ASP A 279 -25.04 -20.16 4.11
N THR A 280 -24.49 -18.96 3.98
CA THR A 280 -25.32 -17.81 3.54
C THR A 280 -25.01 -17.35 2.11
N LEU A 281 -23.98 -17.92 1.51
CA LEU A 281 -23.65 -17.64 0.13
C LEU A 281 -24.72 -18.17 -0.82
N PRO A 282 -24.96 -17.47 -1.96
CA PRO A 282 -25.87 -17.97 -2.99
C PRO A 282 -25.36 -19.33 -3.40
N ALA A 283 -26.28 -20.23 -3.74
CA ALA A 283 -25.95 -21.61 -4.06
C ALA A 283 -25.18 -21.67 -5.37
N GLY A 284 -24.35 -22.69 -5.50
CA GLY A 284 -23.54 -22.84 -6.70
C GLY A 284 -22.06 -22.54 -6.48
N TYR A 285 -21.70 -21.99 -5.32
CA TYR A 285 -20.27 -21.74 -5.04
C TYR A 285 -19.55 -23.08 -5.02
N VAL A 286 -18.26 -23.07 -5.28
CA VAL A 286 -17.45 -24.28 -5.11
C VAL A 286 -16.24 -23.93 -4.26
N VAL A 287 -16.11 -24.59 -3.11
CA VAL A 287 -14.92 -24.49 -2.28
C VAL A 287 -13.72 -25.18 -2.97
N ASN A 288 -12.67 -24.39 -3.25
CA ASN A 288 -11.44 -24.94 -3.82
C ASN A 288 -10.70 -25.82 -2.79
N PRO A 289 -9.88 -26.77 -3.25
CA PRO A 289 -9.00 -27.45 -2.28
C PRO A 289 -8.17 -26.44 -1.48
N THR A 290 -7.96 -26.69 -0.19
CA THR A 290 -7.11 -25.81 0.62
C THR A 290 -5.65 -26.15 0.35
N THR A 291 -4.73 -25.25 0.70
CA THR A 291 -3.30 -25.61 0.73
C THR A 291 -2.70 -25.29 2.08
N SER A 292 -2.02 -26.28 2.64
CA SER A 292 -1.32 -26.13 3.92
C SER A 292 0.05 -25.52 3.73
N LEU A 293 0.36 -24.50 4.52
CA LEU A 293 1.58 -23.70 4.27
C LEU A 293 2.20 -23.29 5.58
N ASN A 294 3.52 -23.12 5.57
CA ASN A 294 4.13 -22.33 6.63
C ASN A 294 4.27 -20.87 6.19
N TRP A 295 4.83 -20.04 7.07
CA TRP A 295 5.00 -18.62 6.80
C TRP A 295 5.67 -18.33 5.44
N ILE A 296 6.91 -18.79 5.26
CA ILE A 296 7.67 -18.40 4.05
C ILE A 296 6.97 -18.91 2.78
N GLU A 297 6.37 -20.08 2.90
CA GLU A 297 5.59 -20.65 1.82
C GLU A 297 4.39 -19.78 1.48
N SER A 298 3.73 -19.22 2.50
CA SER A 298 2.58 -18.33 2.24
C SER A 298 3.04 -17.07 1.52
N VAL A 299 4.20 -16.54 1.89
CA VAL A 299 4.76 -15.39 1.17
C VAL A 299 4.93 -15.66 -0.33
N LEU A 300 5.49 -16.82 -0.66
CA LEU A 300 5.65 -17.23 -2.05
C LEU A 300 4.27 -17.43 -2.70
N SER A 301 3.38 -18.10 -1.97
CA SER A 301 2.08 -18.49 -2.53
C SER A 301 1.26 -17.33 -3.12
N TYR A 302 1.27 -16.16 -2.45
CA TYR A 302 0.45 -15.02 -2.90
CA TYR A 302 0.47 -14.99 -2.86
C TYR A 302 1.25 -13.96 -3.66
N SER A 303 2.52 -14.27 -4.00
CA SER A 303 3.45 -13.29 -4.60
CA SER A 303 3.44 -13.28 -4.60
C SER A 303 3.24 -13.02 -6.10
N ASN A 304 2.69 -14.02 -6.80
CA ASN A 304 2.56 -13.99 -8.26
C ASN A 304 3.91 -14.09 -8.98
N PHE A 305 4.95 -14.55 -8.30
CA PHE A 305 6.28 -14.74 -8.91
C PHE A 305 6.86 -16.07 -8.48
N ASP A 306 7.90 -16.50 -9.18
CA ASP A 306 8.51 -17.78 -8.84
C ASP A 306 9.54 -17.62 -7.70
N HIS A 307 9.76 -16.40 -7.23
CA HIS A 307 10.55 -16.19 -6.00
C HIS A 307 10.09 -14.89 -5.34
N VAL A 308 10.46 -14.70 -4.08
CA VAL A 308 10.08 -13.50 -3.33
C VAL A 308 11.20 -12.58 -2.91
N ASP A 309 12.44 -13.10 -2.86
CA ASP A 309 13.54 -12.25 -2.40
C ASP A 309 13.97 -11.26 -3.50
N PHE A 310 13.22 -10.16 -3.64
CA PHE A 310 13.52 -9.13 -4.63
C PHE A 310 14.47 -8.08 -4.09
N ILE A 311 15.56 -7.87 -4.80
CA ILE A 311 16.48 -6.75 -4.53
C ILE A 311 16.61 -5.84 -5.77
N THR A 312 15.76 -6.11 -6.76
CA THR A 312 15.61 -5.35 -8.02
C THR A 312 14.11 -5.07 -8.19
N PRO A 313 13.74 -4.15 -9.12
CA PRO A 313 12.32 -3.85 -9.39
C PRO A 313 11.58 -5.06 -9.95
N GLN A 314 10.25 -5.15 -9.77
CA GLN A 314 9.51 -6.15 -10.54
C GLN A 314 9.20 -5.60 -11.93
N PRO A 315 8.69 -6.46 -12.85
CA PRO A 315 8.35 -5.97 -14.19
C PRO A 315 7.38 -4.81 -14.11
N VAL A 316 7.49 -3.88 -15.05
CA VAL A 316 6.67 -2.67 -15.03
C VAL A 316 5.32 -3.00 -15.61
N GLU A 317 4.36 -2.12 -15.33
CA GLU A 317 3.01 -2.27 -15.86
C GLU A 317 2.53 -0.92 -16.34
N ASN A 318 1.39 -0.93 -17.03
CA ASN A 318 0.90 0.26 -17.69
C ASN A 318 -0.60 0.42 -17.39
N PHE A 319 -0.96 1.33 -16.49
CA PHE A 319 -2.27 1.19 -15.87
C PHE A 319 -2.81 2.44 -15.19
N TYR A 320 -4.07 2.33 -14.78
CA TYR A 320 -4.71 3.31 -13.95
C TYR A 320 -5.41 2.54 -12.82
N ALA A 321 -5.49 3.16 -11.66
CA ALA A 321 -6.08 2.51 -10.48
C ALA A 321 -6.81 3.55 -9.62
N LYS A 322 -7.78 3.07 -8.83
CA LYS A 322 -8.55 3.90 -7.94
C LYS A 322 -8.83 3.09 -6.69
N SER A 323 -9.33 3.75 -5.65
CA SER A 323 -9.66 3.04 -4.42
C SER A 323 -10.87 3.64 -3.73
N LEU A 324 -11.38 2.89 -2.75
CA LEU A 324 -12.41 3.32 -1.81
C LEU A 324 -12.21 2.60 -0.51
N THR A 325 -12.46 3.31 0.59
CA THR A 325 -12.59 2.67 1.89
C THR A 325 -14.05 3.01 2.32
N LEU A 326 -14.80 2.02 2.80
CA LEU A 326 -16.21 2.27 3.13
C LEU A 326 -16.57 1.75 4.48
N LYS A 327 -17.40 2.52 5.21
CA LYS A 327 -18.01 1.99 6.43
C LYS A 327 -18.85 0.76 6.12
N SER A 328 -19.59 0.82 5.02
CA SER A 328 -20.47 -0.26 4.61
C SER A 328 -20.74 -0.14 3.15
N ILE A 329 -20.91 -1.27 2.46
CA ILE A 329 -21.32 -1.16 1.05
C ILE A 329 -22.86 -1.30 0.87
N LYS A 330 -23.55 -1.64 1.96
CA LYS A 330 -25.01 -1.91 1.89
C LYS A 330 -25.83 -0.74 1.31
N GLY A 331 -26.90 -1.08 0.63
CA GLY A 331 -27.89 -0.09 0.20
C GLY A 331 -27.78 0.20 -1.29
N ASP A 332 -27.94 1.45 -1.65
CA ASP A 332 -27.81 1.82 -3.04
C ASP A 332 -26.39 1.66 -3.57
N ALA A 333 -25.40 1.74 -2.67
CA ALA A 333 -23.98 1.59 -3.05
C ALA A 333 -23.72 0.24 -3.73
N VAL A 334 -24.12 -0.84 -3.08
CA VAL A 334 -23.89 -2.15 -3.66
C VAL A 334 -24.79 -2.38 -4.89
N LYS A 335 -26.00 -1.84 -4.85
CA LYS A 335 -26.90 -1.91 -5.99
C LYS A 335 -26.23 -1.26 -7.19
N ASN A 336 -25.70 -0.05 -7.01
CA ASN A 336 -25.08 0.70 -8.10
C ASN A 336 -23.80 -0.01 -8.51
N PHE A 337 -23.04 -0.51 -7.54
CA PHE A 337 -21.79 -1.22 -7.82
C PHE A 337 -22.04 -2.42 -8.75
N VAL A 338 -23.02 -3.25 -8.39
CA VAL A 338 -23.37 -4.45 -9.15
C VAL A 338 -23.98 -4.15 -10.54
N ASP A 339 -24.79 -3.08 -10.63
CA ASP A 339 -25.32 -2.60 -11.93
C ASP A 339 -24.17 -2.35 -12.92
N TYR A 340 -23.17 -1.57 -12.47
CA TYR A 340 -21.99 -1.23 -13.27
C TYR A 340 -21.16 -2.46 -13.57
N TYR A 341 -20.96 -3.30 -12.56
CA TYR A 341 -20.23 -4.57 -12.70
C TYR A 341 -20.72 -5.31 -13.95
N PHE A 342 -22.04 -5.51 -14.01
CA PHE A 342 -22.66 -6.34 -15.07
C PHE A 342 -22.93 -5.60 -16.38
N ASP A 343 -23.40 -4.36 -16.30
CA ASP A 343 -23.74 -3.60 -17.51
C ASP A 343 -22.55 -2.89 -18.18
N VAL A 344 -21.51 -2.57 -17.40
CA VAL A 344 -20.29 -1.92 -17.95
C VAL A 344 -19.04 -2.82 -17.85
N SER A 345 -18.58 -3.05 -16.62
CA SER A 345 -17.30 -3.73 -16.39
C SER A 345 -17.12 -5.04 -17.14
N ASN A 346 -18.11 -5.93 -17.05
CA ASN A 346 -18.01 -7.26 -17.69
C ASN A 346 -18.02 -7.21 -19.23
N LYS A 347 -18.32 -6.04 -19.78
CA LYS A 347 -18.29 -5.80 -21.23
C LYS A 347 -17.01 -5.07 -21.65
N VAL A 348 -16.18 -4.69 -20.67
CA VAL A 348 -14.87 -4.11 -20.97
C VAL A 348 -13.91 -5.27 -21.24
N LYS A 349 -13.54 -5.44 -22.50
CA LYS A 349 -12.75 -6.60 -22.88
C LYS A 349 -11.43 -6.24 -23.54
N ASP A 350 -11.23 -4.96 -23.83
CA ASP A 350 -10.03 -4.54 -24.55
C ASP A 350 -8.77 -4.48 -23.68
N ARG A 351 -8.93 -4.57 -22.36
CA ARG A 351 -7.74 -4.69 -21.50
C ARG A 351 -8.05 -5.49 -20.22
N PHE A 352 -7.01 -5.87 -19.47
CA PHE A 352 -7.20 -6.55 -18.18
C PHE A 352 -7.68 -5.54 -17.10
N TRP A 353 -8.63 -5.96 -16.28
CA TRP A 353 -9.02 -5.16 -15.13
C TRP A 353 -9.36 -6.11 -14.00
N PHE A 354 -9.26 -5.61 -12.77
CA PHE A 354 -9.79 -6.30 -11.60
C PHE A 354 -10.33 -5.33 -10.53
N TYR A 355 -11.16 -5.85 -9.63
CA TYR A 355 -11.39 -5.19 -8.34
C TYR A 355 -11.03 -6.19 -7.24
N GLN A 356 -10.69 -5.68 -6.07
CA GLN A 356 -10.55 -6.49 -4.86
C GLN A 356 -11.34 -5.80 -3.77
N LEU A 357 -12.21 -6.58 -3.12
CA LEU A 357 -12.93 -6.13 -1.94
C LEU A 357 -12.32 -6.81 -0.71
N ASP A 358 -11.40 -6.08 -0.08
CA ASP A 358 -10.67 -6.59 1.08
CA ASP A 358 -10.63 -6.54 1.08
C ASP A 358 -11.42 -6.37 2.38
N VAL A 359 -11.51 -7.44 3.18
CA VAL A 359 -12.11 -7.37 4.50
C VAL A 359 -11.11 -6.73 5.48
N HIS A 360 -11.26 -5.43 5.64
CA HIS A 360 -10.28 -4.53 6.31
C HIS A 360 -10.70 -4.35 7.76
N GLY A 361 -11.97 -4.01 7.98
CA GLY A 361 -12.48 -3.83 9.32
C GLY A 361 -13.34 -4.99 9.78
N GLY A 362 -14.27 -4.73 10.69
CA GLY A 362 -15.11 -5.78 11.24
C GLY A 362 -14.73 -6.05 12.68
N LYS A 363 -15.66 -6.65 13.42
CA LYS A 363 -15.52 -6.85 14.86
C LYS A 363 -14.17 -7.47 15.29
N ASN A 364 -13.75 -8.54 14.62
CA ASN A 364 -12.53 -9.24 15.06
C ASN A 364 -11.28 -8.88 14.24
N SER A 365 -11.37 -7.84 13.42
CA SER A 365 -10.22 -7.43 12.63
C SER A 365 -9.21 -6.72 13.52
N GLN A 366 -7.99 -7.23 13.53
CA GLN A 366 -6.91 -6.57 14.27
C GLN A 366 -6.62 -5.11 13.77
N VAL A 367 -6.89 -4.82 12.51
CA VAL A 367 -6.68 -3.48 11.98
C VAL A 367 -7.49 -2.42 12.79
N THR A 368 -8.68 -2.84 13.24
CA THR A 368 -9.65 -1.97 13.94
C THR A 368 -9.37 -1.81 15.43
N LYS A 369 -8.42 -2.56 15.98
CA LYS A 369 -8.02 -2.40 17.37
C LYS A 369 -7.18 -1.13 17.61
N VAL A 370 -6.72 -0.47 16.54
CA VAL A 370 -6.17 0.86 16.64
C VAL A 370 -7.28 1.82 16.21
N THR A 371 -7.45 2.94 16.92
CA THR A 371 -8.48 3.91 16.47
C THR A 371 -7.90 4.93 15.51
N ASN A 372 -8.76 5.69 14.85
CA ASN A 372 -8.30 6.79 14.01
C ASN A 372 -7.47 7.87 14.71
N ALA A 373 -7.69 8.08 16.01
CA ALA A 373 -6.96 9.10 16.76
C ALA A 373 -5.52 8.69 17.04
N GLU A 374 -5.27 7.38 17.03
CA GLU A 374 -3.99 6.84 17.51
C GLU A 374 -2.78 6.88 16.56
N THR A 375 -3.03 6.93 15.26
CA THR A 375 -1.99 7.09 14.23
C THR A 375 -2.61 7.93 13.12
N ALA A 376 -1.77 8.41 12.20
CA ALA A 376 -2.26 9.17 11.05
C ALA A 376 -3.27 8.39 10.19
N TYR A 377 -3.13 7.06 10.16
CA TYR A 377 -3.99 6.19 9.34
C TYR A 377 -5.47 6.47 9.67
N PRO A 378 -6.28 6.89 8.66
CA PRO A 378 -7.65 7.40 8.93
C PRO A 378 -8.78 6.44 8.60
N HIS A 379 -8.46 5.19 8.28
CA HIS A 379 -9.49 4.29 7.77
C HIS A 379 -9.93 3.23 8.80
N ARG A 380 -9.65 3.49 10.08
CA ARG A 380 -9.92 2.45 11.12
C ARG A 380 -11.42 2.14 11.27
N ASP A 381 -12.28 3.05 10.80
CA ASP A 381 -13.73 2.91 10.94
C ASP A 381 -14.32 2.44 9.62
N LYS A 382 -13.47 1.88 8.76
CA LYS A 382 -13.90 1.37 7.44
C LYS A 382 -13.79 -0.14 7.37
N LEU A 383 -14.89 -0.79 7.01
CA LEU A 383 -14.95 -2.22 6.91
C LEU A 383 -14.28 -2.71 5.62
N TRP A 384 -14.60 -2.04 4.52
CA TRP A 384 -14.08 -2.42 3.19
C TRP A 384 -12.91 -1.54 2.74
N LEU A 385 -11.87 -2.17 2.22
CA LEU A 385 -10.81 -1.51 1.46
C LEU A 385 -10.94 -2.07 0.02
N ILE A 386 -11.08 -1.17 -0.95
CA ILE A 386 -11.45 -1.61 -2.30
C ILE A 386 -10.43 -1.07 -3.28
N GLN A 387 -9.90 -1.97 -4.10
CA GLN A 387 -9.01 -1.60 -5.18
C GLN A 387 -9.68 -1.85 -6.54
N PHE A 388 -9.53 -0.85 -7.43
CA PHE A 388 -9.96 -0.88 -8.83
C PHE A 388 -8.71 -0.68 -9.65
N TYR A 389 -8.48 -1.55 -10.64
CA TYR A 389 -7.20 -1.60 -11.40
C TYR A 389 -7.51 -1.86 -12.87
N ASP A 390 -6.89 -1.08 -13.76
CA ASP A 390 -7.20 -1.03 -15.18
C ASP A 390 -5.88 -1.06 -15.97
N ARG A 391 -5.54 -2.22 -16.50
CA ARG A 391 -4.20 -2.42 -17.06
C ARG A 391 -4.13 -2.78 -18.58
N TYR A 392 -3.41 -1.95 -19.33
CA TYR A 392 -3.08 -2.21 -20.73
C TYR A 392 -1.69 -2.85 -20.85
N ASP A 393 -1.41 -3.41 -22.02
CA ASP A 393 -0.09 -3.99 -22.28
C ASP A 393 0.96 -2.88 -22.32
N ASN A 394 2.20 -3.24 -22.05
CA ASN A 394 3.26 -2.25 -22.01
C ASN A 394 3.61 -1.65 -23.37
N ASN A 395 3.28 -2.35 -24.45
CA ASN A 395 3.42 -1.77 -25.80
C ASN A 395 2.19 -1.02 -26.31
N GLN A 396 1.26 -0.66 -25.41
CA GLN A 396 0.10 0.17 -25.77
C GLN A 396 0.10 1.45 -24.98
N THR A 397 -0.53 2.47 -25.54
CA THR A 397 -0.78 3.73 -24.85
C THR A 397 -2.05 3.59 -24.05
N TYR A 398 -2.03 4.00 -22.78
CA TYR A 398 -3.27 4.06 -22.03
C TYR A 398 -4.14 5.15 -22.65
N PRO A 399 -5.34 4.79 -23.17
CA PRO A 399 -6.19 5.79 -23.82
C PRO A 399 -6.78 6.84 -22.89
N GLU A 400 -6.77 8.07 -23.36
CA GLU A 400 -7.35 9.21 -22.64
C GLU A 400 -8.82 8.99 -22.26
N THR A 401 -9.54 8.21 -23.05
CA THR A 401 -10.96 7.93 -22.75
C THR A 401 -11.19 6.82 -21.71
N SER A 402 -10.17 5.98 -21.49
CA SER A 402 -10.30 4.82 -20.57
C SER A 402 -10.53 5.18 -19.08
N PHE A 403 -10.09 6.36 -18.66
CA PHE A 403 -10.22 6.77 -17.25
C PHE A 403 -11.67 6.68 -16.77
N LYS A 404 -12.60 7.02 -17.65
CA LYS A 404 -14.01 7.07 -17.27
C LYS A 404 -14.54 5.69 -16.78
N PHE A 405 -13.90 4.60 -17.20
CA PHE A 405 -14.25 3.26 -16.75
C PHE A 405 -14.13 3.15 -15.20
N LEU A 406 -12.91 3.29 -14.65
CA LEU A 406 -12.82 3.24 -13.18
C LEU A 406 -13.53 4.42 -12.51
N ASP A 407 -13.46 5.61 -13.10
CA ASP A 407 -14.15 6.76 -12.53
C ASP A 407 -15.64 6.47 -12.32
N GLY A 408 -16.26 5.84 -13.33
CA GLY A 408 -17.69 5.55 -13.27
C GLY A 408 -18.01 4.49 -12.21
N TRP A 409 -17.15 3.50 -12.06
CA TRP A 409 -17.40 2.47 -11.05
C TRP A 409 -17.35 3.07 -9.65
N VAL A 410 -16.35 3.92 -9.40
CA VAL A 410 -16.17 4.54 -8.10
C VAL A 410 -17.33 5.50 -7.84
N ASN A 411 -17.72 6.24 -8.87
CA ASN A 411 -18.85 7.17 -8.78
C ASN A 411 -20.14 6.41 -8.47
N SER A 412 -20.27 5.22 -9.07
CA SER A 412 -21.44 4.37 -8.80
C SER A 412 -21.63 4.15 -7.30
N VAL A 413 -20.53 4.03 -6.53
CA VAL A 413 -20.62 3.84 -5.08
C VAL A 413 -20.77 5.17 -4.34
N THR A 414 -19.98 6.18 -4.70
CA THR A 414 -19.92 7.42 -3.91
C THR A 414 -21.18 8.25 -4.01
N LYS A 415 -21.80 8.22 -5.19
CA LYS A 415 -23.04 8.95 -5.36
C LYS A 415 -24.09 8.42 -4.35
N ALA A 416 -23.93 7.19 -3.87
CA ALA A 416 -24.93 6.59 -2.95
C ALA A 416 -24.66 6.84 -1.47
N LEU A 417 -23.58 7.55 -1.16
CA LEU A 417 -23.13 7.66 0.24
C LEU A 417 -22.89 9.07 0.71
N PRO A 418 -23.13 9.34 2.00
CA PRO A 418 -22.67 10.67 2.46
C PRO A 418 -21.14 10.66 2.41
N LYS A 419 -20.54 11.83 2.20
CA LYS A 419 -19.08 11.94 2.06
CA LYS A 419 -19.08 11.95 2.07
C LYS A 419 -18.35 11.43 3.30
N SER A 420 -18.98 11.55 4.46
CA SER A 420 -18.36 11.11 5.69
C SER A 420 -18.19 9.57 5.75
N ASP A 421 -18.89 8.83 4.89
CA ASP A 421 -18.89 7.37 4.98
C ASP A 421 -17.75 6.69 4.20
N TRP A 422 -16.99 7.48 3.44
CA TRP A 422 -16.03 6.87 2.55
C TRP A 422 -14.77 7.69 2.45
N GLY A 423 -13.65 7.00 2.18
CA GLY A 423 -12.39 7.65 1.90
C GLY A 423 -11.70 6.96 0.75
N MET A 424 -10.43 7.34 0.53
CA MET A 424 -9.59 6.69 -0.47
C MET A 424 -8.24 6.41 0.16
N TYR A 425 -7.56 5.39 -0.34
CA TYR A 425 -6.29 4.88 0.26
C TYR A 425 -5.09 5.29 -0.59
N ILE A 426 -4.24 6.17 -0.06
CA ILE A 426 -3.10 6.70 -0.84
C ILE A 426 -2.04 5.61 -1.19
N ASN A 427 -2.07 4.42 -0.57
CA ASN A 427 -1.22 3.32 -1.12
C ASN A 427 -1.73 2.77 -2.47
N TYR A 428 -2.98 3.13 -2.81
CA TYR A 428 -3.47 2.96 -4.17
C TYR A 428 -3.62 4.35 -4.80
N ALA A 429 -2.48 5.07 -4.87
CA ALA A 429 -2.50 6.50 -5.21
C ALA A 429 -3.15 6.79 -6.58
N ASP A 430 -4.05 7.78 -6.57
CA ASP A 430 -4.81 8.09 -7.78
C ASP A 430 -4.53 9.54 -8.07
N PRO A 431 -3.65 9.81 -9.06
CA PRO A 431 -3.19 11.21 -9.23
C PRO A 431 -4.21 12.13 -9.87
N ARG A 432 -5.35 11.60 -10.30
CA ARG A 432 -6.33 12.48 -11.01
C ARG A 432 -7.29 13.18 -10.04
N MET A 433 -6.72 13.80 -9.01
CA MET A 433 -7.44 14.62 -8.04
C MET A 433 -6.52 15.78 -7.63
N ASP A 434 -7.07 16.99 -7.44
CA ASP A 434 -6.25 18.11 -7.05
C ASP A 434 -5.80 17.91 -5.60
N ARG A 435 -4.82 18.70 -5.16
CA ARG A 435 -4.20 18.57 -3.83
C ARG A 435 -5.18 18.60 -2.65
N ASP A 436 -6.14 19.53 -2.70
CA ASP A 436 -7.10 19.64 -1.61
C ASP A 436 -8.07 18.48 -1.54
N TYR A 437 -8.63 18.09 -2.68
CA TYR A 437 -9.60 17.02 -2.72
C TYR A 437 -8.93 15.69 -2.33
N ALA A 438 -7.77 15.42 -2.93
CA ALA A 438 -7.05 14.15 -2.68
C ALA A 438 -6.75 14.01 -1.19
N THR A 439 -6.23 15.06 -0.58
CA THR A 439 -5.82 14.93 0.82
C THR A 439 -7.06 14.83 1.69
N LYS A 440 -8.17 15.42 1.22
CA LYS A 440 -9.41 15.29 1.98
C LYS A 440 -9.88 13.84 2.01
N VAL A 441 -9.84 13.12 0.89
CA VAL A 441 -10.34 11.74 0.90
C VAL A 441 -9.30 10.75 1.41
N TYR A 442 -8.00 11.06 1.25
CA TYR A 442 -6.95 10.14 1.72
C TYR A 442 -6.80 10.14 3.25
N TYR A 443 -7.13 11.27 3.90
CA TYR A 443 -6.82 11.44 5.30
C TYR A 443 -8.00 11.70 6.26
N GLY A 444 -9.22 11.87 5.74
CA GLY A 444 -10.44 11.84 6.56
C GLY A 444 -10.36 12.74 7.78
N GLU A 445 -10.67 12.18 8.95
CA GLU A 445 -10.74 12.97 10.19
C GLU A 445 -9.37 13.44 10.70
N ASN A 446 -8.28 12.91 10.10
CA ASN A 446 -6.93 13.25 10.55
C ASN A 446 -6.24 14.37 9.76
N LEU A 447 -6.87 14.81 8.68
CA LEU A 447 -6.28 15.84 7.82
C LEU A 447 -5.89 17.15 8.53
N ALA A 448 -6.79 17.69 9.34
CA ALA A 448 -6.51 18.97 10.02
C ALA A 448 -5.27 18.86 10.92
N ARG A 449 -5.17 17.80 11.71
CA ARG A 449 -3.95 17.57 12.50
C ARG A 449 -2.69 17.40 11.61
N LEU A 450 -2.84 16.71 10.48
CA LEU A 450 -1.73 16.48 9.54
C LEU A 450 -1.23 17.80 8.93
N GLN A 451 -2.17 18.72 8.66
CA GLN A 451 -1.84 20.06 8.09
C GLN A 451 -1.02 20.92 9.06
N LYS A 452 -1.38 20.86 10.34
CA LYS A 452 -0.61 21.51 11.40
CA LYS A 452 -0.58 21.54 11.36
C LYS A 452 0.80 20.89 11.49
N LEU A 453 0.85 19.55 11.56
CA LEU A 453 2.14 18.85 11.65
C LEU A 453 3.03 19.13 10.42
N LYS A 454 2.41 19.32 9.27
CA LYS A 454 3.11 19.68 8.05
C LYS A 454 3.75 21.07 8.16
N ALA A 455 3.00 22.03 8.71
CA ALA A 455 3.50 23.39 8.93
C ALA A 455 4.69 23.32 9.89
N LYS A 456 4.60 22.44 10.89
CA LYS A 456 5.71 22.26 11.83
C LYS A 456 6.98 21.64 11.22
N PHE A 457 6.83 20.56 10.46
CA PHE A 457 7.99 19.79 9.98
C PHE A 457 8.46 20.07 8.58
N ASP A 458 7.53 20.41 7.68
CA ASP A 458 7.90 20.77 6.32
C ASP A 458 7.21 22.07 5.86
N PRO A 459 7.47 23.19 6.56
CA PRO A 459 6.75 24.44 6.22
C PRO A 459 7.11 25.00 4.84
N THR A 460 8.28 24.67 4.30
CA THR A 460 8.60 25.15 2.96
C THR A 460 8.18 24.16 1.87
N ASP A 461 7.46 23.11 2.24
CA ASP A 461 7.02 22.12 1.24
C ASP A 461 8.23 21.57 0.45
N ARG A 462 9.35 21.35 1.16
CA ARG A 462 10.58 20.83 0.56
CA ARG A 462 10.57 20.85 0.54
C ARG A 462 10.37 19.45 -0.07
N PHE A 463 9.49 18.67 0.53
CA PHE A 463 9.20 17.33 0.05
C PHE A 463 7.95 17.28 -0.82
N TYR A 464 7.57 18.42 -1.41
CA TYR A 464 6.34 18.54 -2.21
C TYR A 464 6.09 17.44 -3.23
N TYR A 465 4.83 17.05 -3.31
CA TYR A 465 4.31 16.36 -4.47
C TYR A 465 2.83 16.71 -4.56
N PRO A 466 2.19 16.44 -5.72
CA PRO A 466 0.88 17.06 -5.89
C PRO A 466 -0.24 16.57 -4.96
N GLN A 467 -0.02 15.51 -4.19
CA GLN A 467 -1.04 15.14 -3.20
C GLN A 467 -0.47 15.07 -1.79
N ALA A 468 0.62 15.82 -1.56
CA ALA A 468 1.10 16.10 -0.21
C ALA A 468 0.03 16.89 0.53
N VAL A 469 -0.05 16.68 1.83
CA VAL A 469 -0.84 17.50 2.73
C VAL A 469 -0.32 18.97 2.66
N ARG A 470 -1.21 19.95 2.63
CA ARG A 470 -0.77 21.37 2.72
C ARG A 470 -0.29 21.73 4.13
N PRO A 471 0.85 22.47 4.24
CA PRO A 471 1.24 23.07 5.50
C PRO A 471 0.27 24.21 5.86
N VAL A 472 -0.45 24.04 6.97
CA VAL A 472 -1.36 25.09 7.47
C VAL A 472 -1.07 25.34 8.95
N LYS A 473 -0.44 26.47 9.25
CA LYS A 473 -0.20 26.90 10.63
C LYS A 473 -1.51 26.88 11.44
PA FAD B . 7.56 4.58 -3.78
O1A FAD B . 9.05 4.43 -3.76
O2A FAD B . 6.97 4.91 -5.12
O5B FAD B . 7.13 5.71 -2.73
C5B FAD B . 5.76 5.87 -2.38
C4B FAD B . 5.61 7.17 -1.57
O4B FAD B . 6.33 7.08 -0.35
C3B FAD B . 6.16 8.39 -2.31
O3B FAD B . 5.44 9.55 -1.88
C2B FAD B . 7.58 8.47 -1.75
O2B FAD B . 8.22 9.71 -1.86
C1B FAD B . 7.33 8.06 -0.31
N9A FAD B . 8.54 7.50 0.27
C8A FAD B . 9.37 6.51 -0.26
N7A FAD B . 10.36 6.30 0.63
C5A FAD B . 10.18 7.10 1.70
C6A FAD B . 10.91 7.27 2.88
N6A FAD B . 12.03 6.56 3.12
N1A FAD B . 10.43 8.18 3.81
C2A FAD B . 9.28 8.93 3.55
N3A FAD B . 8.58 8.79 2.37
C4A FAD B . 9.03 7.86 1.47
N1 FAD B . -0.59 -2.06 -1.04
C2 FAD B . -1.15 -2.70 0.08
O2 FAD B . -1.51 -2.06 1.08
N3 FAD B . -1.20 -4.09 0.04
C4 FAD B . -0.67 -4.89 -0.94
O4 FAD B . -0.67 -6.14 -0.84
C4X FAD B . -0.14 -4.15 -2.14
N5 FAD B . 0.38 -4.83 -3.15
C5X FAD B . 0.97 -4.19 -4.22
C6 FAD B . 1.61 -4.93 -5.25
C7 FAD B . 2.32 -4.30 -6.24
C7M FAD B . 3.00 -5.12 -7.37
C8 FAD B . 2.52 -2.90 -6.16
C8M FAD B . 3.31 -2.17 -7.22
C9 FAD B . 1.86 -2.15 -5.20
C9A FAD B . 1.09 -2.78 -4.20
N10 FAD B . 0.51 -2.06 -3.13
C10 FAD B . -0.19 -2.72 -2.12
C1' FAD B . 0.62 -0.57 -3.11
C2' FAD B . 1.78 -0.12 -2.25
O2' FAD B . 1.45 -0.28 -0.88
C3' FAD B . 2.07 1.35 -2.49
O3' FAD B . 2.24 1.59 -3.87
C4' FAD B . 3.31 1.77 -1.68
O4' FAD B . 3.24 3.13 -1.42
C5' FAD B . 4.61 1.41 -2.42
O5' FAD B . 5.71 1.79 -1.64
P FAD B . 7.14 2.02 -2.38
O1P FAD B . 8.20 2.32 -1.37
O2P FAD B . 7.47 0.82 -3.25
O3P FAD B . 6.76 3.26 -3.31
C1 NAG C . -29.56 -15.57 -11.25
C2 NAG C . -30.96 -15.75 -11.83
C3 NAG C . -31.81 -16.43 -10.78
C4 NAG C . -31.16 -17.74 -10.39
C5 NAG C . -29.65 -17.62 -10.12
C6 NAG C . -29.02 -18.99 -10.14
C7 NAG C . -32.39 -13.80 -11.48
C8 NAG C . -32.94 -12.53 -12.07
N2 NAG C . -31.55 -14.50 -12.25
O3 NAG C . -33.11 -16.68 -11.29
O4 NAG C . -31.84 -18.20 -9.25
O5 NAG C . -28.99 -16.84 -11.10
O6 NAG C . -29.99 -19.88 -10.66
O7 NAG C . -32.71 -14.15 -10.35
ZN ZN D . 17.38 -10.79 0.05
ZN ZN E . 12.65 -16.16 -9.83
ZN ZN F . -27.50 -9.36 5.76
C1A ABL G . -2.18 -4.83 -5.09
O1A ABL G . -2.29 -4.03 -4.12
C2A ABL G . -2.78 -6.24 -5.02
O2A ABL G . -2.68 -6.69 -3.66
C3A ABL G . -2.10 -7.25 -5.97
O3A ABL G . -2.95 -8.42 -6.04
C4A ABL G . -2.01 -6.64 -7.36
O1 ABL G . -1.42 -7.57 -8.31
C5A ABL G . -1.11 -5.36 -7.30
N5 ABL G . -1.54 -4.44 -6.21
C6A ABL G . -1.17 -4.52 -8.62
O6A ABL G . 0.01 -3.75 -8.84
C1 ABL G . -2.29 -8.33 -9.20
C2 ABL G . -1.53 -8.75 -10.49
O2 ABL G . -1.07 -7.55 -11.13
C3 ABL G . -2.45 -9.58 -11.38
O3 ABL G . -1.78 -9.99 -12.57
C4 ABL G . -3.01 -10.78 -10.55
O4 ABL G . -3.86 -11.61 -11.33
C5 ABL G . -3.75 -10.27 -9.32
O5 ABL G . -2.83 -9.47 -8.53
C6 ABL G . -4.36 -11.41 -8.48
O6 ABL G . -3.45 -12.39 -8.11
C1A ABL H . 25.31 5.08 -12.03
O1A ABL H . 24.44 5.47 -12.85
C2A ABL H . 26.62 4.45 -12.51
O2A ABL H . 26.36 3.84 -13.77
C3A ABL H . 27.07 3.33 -11.54
O3A ABL H . 28.36 2.87 -11.96
C4A ABL H . 27.18 3.87 -10.14
O1 ABL H . 27.58 2.82 -9.23
C5A ABL H . 25.71 4.22 -9.74
N5 ABL H . 25.13 5.18 -10.70
C6A ABL H . 25.71 4.91 -8.36
O6A ABL H . 26.85 5.73 -8.19
C1 ABL H . 28.84 2.88 -8.52
C2 ABL H . 28.95 1.64 -7.61
O2 ABL H . 27.86 1.62 -6.67
C3 ABL H . 30.27 1.65 -6.85
O3 ABL H . 30.39 0.41 -6.19
C4 ABL H . 31.46 1.93 -7.82
O4 ABL H . 32.65 2.15 -7.08
C5 ABL H . 31.18 3.15 -8.71
O5 ABL H . 29.95 2.89 -9.39
C6 ABL H . 32.32 3.52 -9.67
O6 ABL H . 32.73 2.50 -10.53
C TRS I . 24.49 -1.43 2.09
C TRS I . 24.75 -1.12 2.74
C1 TRS I . 24.83 -0.18 2.84
C1 TRS I . 24.55 -0.83 4.22
C2 TRS I . 23.23 -1.82 2.86
C2 TRS I . 23.72 -0.23 2.06
C3 TRS I . 25.57 -2.49 1.89
C3 TRS I . 24.73 -2.61 2.45
N TRS I . 24.09 -1.01 0.74
N TRS I . 26.06 -0.58 2.38
O1 TRS I . 23.68 0.65 2.80
O1 TRS I . 24.98 -1.97 4.91
O2 TRS I . 22.21 -2.25 1.98
O2 TRS I . 23.84 -0.35 0.65
O3 TRS I . 25.30 -3.24 0.71
O3 TRS I . 25.97 -3.07 1.95
S SO4 J . -1.13 11.09 -18.81
O1 SO4 J . -0.87 9.68 -19.09
O2 SO4 J . 0.07 11.68 -18.17
O3 SO4 J . -1.42 11.77 -20.08
O4 SO4 J . -2.27 11.25 -17.89
CL CL K . 25.70 1.68 -13.98
CL CL L . -0.29 28.69 7.08
CL CL M . -0.40 21.78 -5.73
CL CL N . 0.03 23.18 -4.80
#